data_3I61
#
_entry.id   3I61
#
_cell.length_a   88.294
_cell.length_b   126.082
_cell.length_c   55.721
_cell.angle_alpha   90.00
_cell.angle_beta   90.00
_cell.angle_gamma   90.00
#
_symmetry.space_group_name_H-M   'P 21 21 2'
#
loop_
_entity.id
_entity.type
_entity.pdbx_description
1 polymer 'ATP-dependent RNA helicase MSS116'
2 polymer "5'-R(*UP*UP*UP*UP*UP*UP*UP*UP*UP*U)-3'"
3 non-polymer "ADENOSINE-5'-DIPHOSPHATE"
4 non-polymer 'BERYLLIUM TRIFLUORIDE ION'
5 non-polymer 'MAGNESIUM ION'
6 water water
#
loop_
_entity_poly.entity_id
_entity_poly.type
_entity_poly.pdbx_seq_one_letter_code
_entity_poly.pdbx_strand_id
1 'polypeptide(L)'
;GSLYNDGNRDQRNFGRNQRNNNSNRYRNSRFNSRPRTRSREDDDEVHFDKTTFSKLIHVPKEDNSKEVTLDSLLEEGVLD
KEIHKAITRMEFPGLTPVQQKTIKPILSSEDHDVIARAKTGTGKTFAFLIPIFQHLINTKFDSQYMVKAVIVAPTRDLAL
QIEAEVKKIHDMNYGLKKYACVSLVGGTDFRAAMNKMNKLRPNIVIATPGRLIDVLEKYSNKFFRFVDYKVLDEADRLLE
IGFRDDLETISGILNEKNSKSADNIKTLLFSATLDDKVQKLANNIMNKKECLFLDTVDKNEPEAHERIDQSVVISEKFAN
SIFAAVEHIKKQIKERDSNYKAIIFAPTVKFTSFLCSILKNEFKKDLPILEFHGKITQNKRTSLVKRFKKDESGILVCTD
VGARGMDFPNVHEVLQIGVPSELANYIHRIGRTARSGKEGSSVLFICKDELPFVRELEDAKNIVIAKQEKYEPSEEIKSE
VLEAVTEEPEDISDIVISLISSYRSCIKEYRFSERRILPEIASTYGVLLNDPQLKIPVSRRFLDKLGLSRSPIGKAMFEI
RDY
;
A
2 'polyribonucleotide' UUUUUUUUUU B
#
# COMPACT_ATOMS: atom_id res chain seq x y z
N SER A 54 -26.25 4.87 -9.93
CA SER A 54 -26.74 5.09 -8.54
C SER A 54 -26.36 6.49 -8.02
N LYS A 55 -27.17 7.00 -7.10
CA LYS A 55 -27.07 8.40 -6.66
C LYS A 55 -25.94 8.60 -5.65
N LEU A 56 -24.95 9.42 -6.04
CA LEU A 56 -23.81 9.74 -5.19
C LEU A 56 -24.12 10.97 -4.36
N ILE A 57 -24.12 10.82 -3.04
CA ILE A 57 -24.41 11.92 -2.12
C ILE A 57 -23.11 12.39 -1.47
N HIS A 58 -22.65 13.57 -1.90
CA HIS A 58 -21.44 14.19 -1.37
C HIS A 58 -21.66 14.75 0.03
N VAL A 59 -20.80 14.36 0.96
CA VAL A 59 -20.74 15.01 2.28
C VAL A 59 -19.32 15.54 2.46
N PRO A 60 -19.09 16.81 2.04
CA PRO A 60 -17.73 17.36 2.01
C PRO A 60 -17.18 17.69 3.40
N LYS A 61 -15.88 17.94 3.46
CA LYS A 61 -15.21 18.30 4.71
C LYS A 61 -15.86 19.56 5.31
N GLU A 62 -16.31 19.45 6.57
CA GLU A 62 -16.93 20.57 7.27
C GLU A 62 -16.00 21.07 8.36
N ASP A 63 -15.88 22.39 8.49
CA ASP A 63 -14.97 23.01 9.44
C ASP A 63 -15.52 22.96 10.88
N ASN A 64 -16.67 23.58 11.09
CA ASN A 64 -17.23 23.75 12.44
C ASN A 64 -18.39 22.80 12.74
N SER A 65 -18.13 21.50 12.62
CA SER A 65 -19.13 20.47 12.99
C SER A 65 -18.85 19.94 14.40
N LYS A 66 -19.90 19.54 15.10
CA LYS A 66 -19.79 19.10 16.50
C LYS A 66 -18.95 17.83 16.62
N GLU A 67 -18.06 17.79 17.61
CA GLU A 67 -17.17 16.66 17.77
C GLU A 67 -17.94 15.40 18.19
N VAL A 68 -17.62 14.28 17.53
CA VAL A 68 -18.17 12.98 17.90
C VAL A 68 -17.13 12.26 18.74
N THR A 69 -17.57 11.66 19.84
CA THR A 69 -16.69 10.91 20.74
C THR A 69 -17.25 9.52 20.98
N LEU A 70 -16.45 8.64 21.58
CA LEU A 70 -16.93 7.31 21.98
C LEU A 70 -18.10 7.43 22.96
N ASP A 71 -17.98 8.35 23.92
CA ASP A 71 -19.04 8.60 24.89
C ASP A 71 -20.33 9.07 24.23
N SER A 72 -20.19 9.99 23.27
CA SER A 72 -21.36 10.56 22.59
C SER A 72 -22.06 9.49 21.74
N LEU A 73 -21.29 8.64 21.08
CA LEU A 73 -21.87 7.53 20.31
C LEU A 73 -22.53 6.51 21.26
N LEU A 74 -21.92 6.28 22.43
CA LEU A 74 -22.52 5.41 23.46
C LEU A 74 -23.84 5.98 23.96
N GLU A 75 -23.82 7.24 24.38
CA GLU A 75 -25.00 7.93 24.92
C GLU A 75 -26.15 7.97 23.91
N GLU A 76 -25.81 8.14 22.64
CA GLU A 76 -26.78 8.19 21.55
C GLU A 76 -27.36 6.81 21.21
N GLY A 77 -26.70 5.74 21.66
CA GLY A 77 -27.16 4.37 21.40
C GLY A 77 -26.60 3.76 20.12
N VAL A 78 -25.64 4.44 19.50
CA VAL A 78 -25.02 3.94 18.28
C VAL A 78 -24.03 2.81 18.60
N LEU A 79 -23.24 2.98 19.66
CA LEU A 79 -22.28 1.97 20.10
C LEU A 79 -22.70 1.29 21.40
N ASP A 80 -22.48 -0.02 21.46
CA ASP A 80 -22.72 -0.82 22.66
C ASP A 80 -21.61 -0.53 23.67
N LYS A 81 -21.86 -0.82 24.94
CA LYS A 81 -20.85 -0.66 25.97
C LYS A 81 -19.59 -1.49 25.72
N GLU A 82 -19.74 -2.66 25.11
CA GLU A 82 -18.62 -3.60 24.98
C GLU A 82 -17.56 -3.17 23.96
N ILE A 83 -17.98 -2.55 22.85
CA ILE A 83 -17.04 -1.98 21.89
C ILE A 83 -16.49 -0.62 22.39
N HIS A 84 -17.33 0.16 23.06
CA HIS A 84 -16.92 1.41 23.72
C HIS A 84 -15.74 1.15 24.66
N LYS A 85 -15.93 0.16 25.52
CA LYS A 85 -14.91 -0.35 26.44
C LYS A 85 -13.57 -0.65 25.74
N ALA A 86 -13.64 -1.45 24.69
CA ALA A 86 -12.43 -1.91 23.98
C ALA A 86 -11.63 -0.75 23.42
N ILE A 87 -12.31 0.18 22.75
CA ILE A 87 -11.61 1.30 22.11
C ILE A 87 -11.14 2.29 23.17
N THR A 88 -11.94 2.50 24.22
CA THR A 88 -11.56 3.41 25.30
C THR A 88 -10.23 2.97 25.94
N ARG A 89 -10.06 1.68 26.16
CA ARG A 89 -8.83 1.15 26.79
C ARG A 89 -7.57 1.29 25.93
N MET A 90 -7.75 1.62 24.64
CA MET A 90 -6.62 1.97 23.79
C MET A 90 -6.11 3.39 24.09
N GLU A 91 -6.88 4.17 24.83
CA GLU A 91 -6.46 5.48 25.33
C GLU A 91 -5.99 6.45 24.22
N PHE A 92 -6.77 6.49 23.13
CA PHE A 92 -6.60 7.52 22.10
C PHE A 92 -7.15 8.86 22.61
N PRO A 93 -6.48 9.97 22.28
CA PRO A 93 -6.95 11.29 22.74
C PRO A 93 -8.42 11.55 22.41
N GLY A 94 -8.79 11.28 21.16
CA GLY A 94 -10.18 11.25 20.73
C GLY A 94 -10.29 10.38 19.49
N LEU A 95 -11.43 10.45 18.81
CA LEU A 95 -11.60 9.78 17.53
C LEU A 95 -11.06 10.67 16.42
N THR A 96 -10.39 10.06 15.45
CA THR A 96 -9.87 10.81 14.29
C THR A 96 -11.03 11.31 13.46
N PRO A 97 -10.79 12.32 12.59
CA PRO A 97 -11.88 12.84 11.76
C PRO A 97 -12.62 11.77 10.95
N VAL A 98 -11.90 10.84 10.31
CA VAL A 98 -12.57 9.81 9.52
C VAL A 98 -13.47 8.91 10.40
N GLN A 99 -13.00 8.61 11.61
CA GLN A 99 -13.79 7.83 12.57
C GLN A 99 -15.05 8.58 13.01
N GLN A 100 -14.91 9.86 13.35
CA GLN A 100 -16.05 10.69 13.72
C GLN A 100 -17.08 10.75 12.60
N LYS A 101 -16.61 10.82 11.37
CA LYS A 101 -17.49 11.03 10.22
C LYS A 101 -18.21 9.77 9.74
N THR A 102 -17.58 8.60 9.91
CA THR A 102 -18.05 7.39 9.23
C THR A 102 -18.79 6.38 10.11
N ILE A 103 -18.57 6.40 11.43
CA ILE A 103 -19.08 5.34 12.30
C ILE A 103 -20.60 5.24 12.28
N LYS A 104 -21.29 6.36 12.52
CA LYS A 104 -22.75 6.35 12.55
C LYS A 104 -23.38 6.05 11.18
N PRO A 105 -22.90 6.70 10.10
CA PRO A 105 -23.47 6.38 8.78
C PRO A 105 -23.30 4.93 8.33
N ILE A 106 -22.16 4.31 8.63
CA ILE A 106 -21.98 2.90 8.29
C ILE A 106 -23.02 2.02 9.01
N LEU A 107 -23.34 2.38 10.26
CA LEU A 107 -24.32 1.62 11.05
C LEU A 107 -25.78 2.01 10.80
N SER A 108 -26.00 3.06 10.00
CA SER A 108 -27.36 3.57 9.75
C SER A 108 -28.25 2.53 9.08
N SER A 109 -29.54 2.54 9.41
CA SER A 109 -30.50 1.59 8.83
C SER A 109 -30.89 1.95 7.39
N GLU A 110 -30.28 3.00 6.84
CA GLU A 110 -30.52 3.40 5.45
C GLU A 110 -29.90 2.41 4.48
N ASP A 111 -30.48 2.37 3.28
CA ASP A 111 -30.06 1.43 2.25
C ASP A 111 -29.00 2.10 1.37
N HIS A 112 -27.79 2.24 1.92
CA HIS A 112 -26.71 2.91 1.18
C HIS A 112 -25.34 2.23 1.30
N ASP A 113 -24.51 2.44 0.28
CA ASP A 113 -23.11 2.08 0.34
C ASP A 113 -22.35 3.31 0.82
N VAL A 114 -21.11 3.11 1.23
CA VAL A 114 -20.28 4.18 1.77
C VAL A 114 -18.90 4.23 1.10
N ILE A 115 -18.51 5.42 0.66
CA ILE A 115 -17.16 5.71 0.19
C ILE A 115 -16.54 6.72 1.14
N ALA A 116 -15.32 6.45 1.60
CA ALA A 116 -14.64 7.33 2.55
C ALA A 116 -13.21 7.64 2.14
N ARG A 117 -12.89 8.93 2.05
CA ARG A 117 -11.52 9.39 1.82
C ARG A 117 -10.97 10.08 3.06
N ALA A 118 -9.78 9.65 3.49
CA ALA A 118 -9.06 10.31 4.55
C ALA A 118 -7.57 10.05 4.37
N LYS A 119 -6.75 11.02 4.76
CA LYS A 119 -5.32 10.96 4.51
C LYS A 119 -4.67 9.77 5.22
N THR A 120 -3.46 9.42 4.75
CA THR A 120 -2.70 8.30 5.29
C THR A 120 -2.47 8.46 6.80
N GLY A 121 -2.59 7.36 7.53
CA GLY A 121 -2.27 7.32 8.96
C GLY A 121 -3.28 7.95 9.91
N THR A 122 -4.51 8.19 9.44
CA THR A 122 -5.51 8.93 10.22
C THR A 122 -6.67 8.06 10.72
N GLY A 123 -6.48 6.74 10.71
CA GLY A 123 -7.35 5.83 11.45
C GLY A 123 -8.49 5.21 10.68
N LYS A 124 -8.33 5.07 9.37
CA LYS A 124 -9.36 4.43 8.54
C LYS A 124 -9.67 2.99 8.96
N THR A 125 -8.69 2.27 9.49
CA THR A 125 -8.92 0.87 9.86
C THR A 125 -10.00 0.74 10.92
N PHE A 126 -9.85 1.48 12.03
CA PHE A 126 -10.85 1.41 13.11
C PHE A 126 -12.16 2.08 12.69
N ALA A 127 -12.08 3.02 11.76
CA ALA A 127 -13.26 3.62 11.13
C ALA A 127 -14.22 2.57 10.55
N PHE A 128 -13.69 1.46 10.03
CA PHE A 128 -14.57 0.36 9.61
C PHE A 128 -14.66 -0.81 10.60
N LEU A 129 -13.63 -1.06 11.39
CA LEU A 129 -13.68 -2.18 12.34
C LEU A 129 -14.69 -1.93 13.46
N ILE A 130 -14.78 -0.70 13.93
CA ILE A 130 -15.68 -0.33 15.01
C ILE A 130 -17.17 -0.56 14.66
N PRO A 131 -17.63 0.02 13.54
CA PRO A 131 -19.03 -0.27 13.17
C PRO A 131 -19.25 -1.74 12.81
N ILE A 132 -18.26 -2.41 12.24
CA ILE A 132 -18.41 -3.84 11.95
C ILE A 132 -18.68 -4.63 13.23
N PHE A 133 -17.89 -4.40 14.27
CA PHE A 133 -18.13 -5.03 15.58
C PHE A 133 -19.51 -4.72 16.14
N GLN A 134 -19.93 -3.46 16.01
CA GLN A 134 -21.24 -3.02 16.49
C GLN A 134 -22.35 -3.76 15.75
N HIS A 135 -22.19 -3.93 14.45
CA HIS A 135 -23.17 -4.68 13.68
C HIS A 135 -23.26 -6.13 14.14
N LEU A 136 -22.11 -6.71 14.50
CA LEU A 136 -22.08 -8.08 15.00
C LEU A 136 -22.79 -8.19 16.35
N ILE A 137 -22.62 -7.16 17.19
CA ILE A 137 -23.30 -7.09 18.47
C ILE A 137 -24.81 -6.89 18.26
N ASN A 138 -25.17 -5.99 17.34
CA ASN A 138 -26.59 -5.71 17.02
C ASN A 138 -27.36 -6.95 16.57
N THR A 139 -26.68 -7.84 15.86
CA THR A 139 -27.32 -9.03 15.28
C THR A 139 -26.78 -10.32 15.90
N LYS A 140 -26.33 -10.25 17.15
CA LYS A 140 -25.55 -11.34 17.75
C LYS A 140 -26.27 -12.70 17.85
N PHE A 141 -27.60 -12.69 17.85
CA PHE A 141 -28.37 -13.94 17.92
C PHE A 141 -28.74 -14.53 16.55
N ASP A 142 -28.42 -13.83 15.46
CA ASP A 142 -28.76 -14.29 14.11
C ASP A 142 -27.53 -14.82 13.39
N SER A 143 -27.62 -16.02 12.83
CA SER A 143 -26.57 -16.57 11.96
C SER A 143 -25.19 -16.47 12.62
N GLN A 144 -25.12 -16.85 13.90
CA GLN A 144 -23.95 -16.55 14.73
C GLN A 144 -22.67 -17.31 14.38
N TYR A 145 -22.80 -18.37 13.59
CA TYR A 145 -21.64 -19.15 13.13
C TYR A 145 -21.21 -18.76 11.72
N MET A 146 -21.74 -17.65 11.21
CA MET A 146 -21.57 -17.29 9.81
C MET A 146 -20.76 -16.00 9.62
N VAL A 147 -20.08 -15.88 8.49
CA VAL A 147 -19.33 -14.66 8.17
C VAL A 147 -20.30 -13.53 7.82
N LYS A 148 -20.21 -12.44 8.57
CA LYS A 148 -21.07 -11.28 8.36
C LYS A 148 -20.35 -10.10 7.71
N ALA A 149 -19.02 -10.06 7.82
CA ALA A 149 -18.22 -9.01 7.21
C ALA A 149 -16.99 -9.59 6.51
N VAL A 150 -16.79 -9.19 5.25
CA VAL A 150 -15.62 -9.59 4.46
C VAL A 150 -14.81 -8.34 4.13
N ILE A 151 -13.55 -8.33 4.55
CA ILE A 151 -12.66 -7.20 4.36
C ILE A 151 -11.57 -7.64 3.39
N VAL A 152 -11.42 -6.92 2.29
CA VAL A 152 -10.45 -7.29 1.25
C VAL A 152 -9.34 -6.25 1.16
N ALA A 153 -8.10 -6.71 1.01
CA ALA A 153 -6.91 -5.84 0.90
C ALA A 153 -6.00 -6.32 -0.24
N PRO A 154 -5.24 -5.39 -0.85
CA PRO A 154 -4.42 -5.72 -2.04
C PRO A 154 -3.12 -6.49 -1.76
N THR A 155 -2.68 -6.54 -0.50
CA THR A 155 -1.50 -7.32 -0.12
C THR A 155 -1.78 -8.20 1.08
N ARG A 156 -1.05 -9.31 1.18
CA ARG A 156 -1.22 -10.26 2.28
C ARG A 156 -0.86 -9.65 3.63
N ASP A 157 0.23 -8.89 3.64
CA ASP A 157 0.73 -8.27 4.89
C ASP A 157 -0.26 -7.24 5.42
N LEU A 158 -0.91 -6.49 4.52
CA LEU A 158 -1.95 -5.57 4.94
C LEU A 158 -3.19 -6.31 5.48
N ALA A 159 -3.60 -7.39 4.83
CA ALA A 159 -4.70 -8.19 5.36
C ALA A 159 -4.34 -8.74 6.75
N LEU A 160 -3.11 -9.21 6.92
CA LEU A 160 -2.67 -9.74 8.20
C LEU A 160 -2.56 -8.63 9.26
N GLN A 161 -2.24 -7.42 8.82
CA GLN A 161 -2.20 -6.28 9.73
C GLN A 161 -3.61 -5.96 10.25
N ILE A 162 -4.59 -5.94 9.35
CA ILE A 162 -5.96 -5.64 9.72
C ILE A 162 -6.49 -6.70 10.70
N GLU A 163 -6.14 -7.96 10.46
CA GLU A 163 -6.45 -9.04 11.39
C GLU A 163 -5.83 -8.79 12.76
N ALA A 164 -4.59 -8.32 12.78
CA ALA A 164 -3.92 -7.99 14.04
C ALA A 164 -4.63 -6.84 14.77
N GLU A 165 -5.22 -5.91 14.00
CA GLU A 165 -5.99 -4.82 14.61
C GLU A 165 -7.30 -5.33 15.23
N VAL A 166 -7.96 -6.28 14.57
CA VAL A 166 -9.12 -6.97 15.16
C VAL A 166 -8.71 -7.66 16.46
N LYS A 167 -7.55 -8.31 16.46
CA LYS A 167 -7.05 -8.97 17.67
C LYS A 167 -6.76 -7.99 18.83
N LYS A 168 -6.29 -6.79 18.50
CA LYS A 168 -6.11 -5.75 19.54
C LYS A 168 -7.43 -5.38 20.22
N ILE A 169 -8.51 -5.35 19.45
CA ILE A 169 -9.86 -5.12 20.00
C ILE A 169 -10.25 -6.27 20.93
N HIS A 170 -10.03 -7.50 20.50
CA HIS A 170 -10.25 -8.69 21.33
C HIS A 170 -9.48 -8.63 22.66
N ASP A 171 -8.24 -8.15 22.60
CA ASP A 171 -7.41 -8.10 23.79
C ASP A 171 -7.80 -7.00 24.78
N MET A 172 -8.44 -5.95 24.28
CA MET A 172 -8.92 -4.85 25.12
C MET A 172 -10.28 -5.15 25.76
N ASN A 173 -11.02 -6.11 25.20
CA ASN A 173 -12.21 -6.65 25.84
C ASN A 173 -12.44 -8.10 25.42
N TYR A 174 -12.08 -9.03 26.31
CA TYR A 174 -12.24 -10.47 26.04
C TYR A 174 -13.68 -10.87 25.70
N GLY A 175 -14.65 -10.09 26.16
CA GLY A 175 -16.06 -10.27 25.78
C GLY A 175 -16.31 -10.24 24.28
N LEU A 176 -15.38 -9.67 23.51
CA LEU A 176 -15.55 -9.58 22.05
C LEU A 176 -14.90 -10.74 21.29
N LYS A 177 -14.18 -11.62 21.98
CA LYS A 177 -13.59 -12.81 21.34
C LYS A 177 -14.62 -13.73 20.66
N LYS A 178 -15.86 -13.73 21.14
CA LYS A 178 -16.94 -14.50 20.51
C LYS A 178 -17.21 -14.10 19.07
N TYR A 179 -16.83 -12.86 18.71
CA TYR A 179 -16.90 -12.41 17.32
C TYR A 179 -15.55 -12.67 16.69
N ALA A 180 -15.36 -13.90 16.21
CA ALA A 180 -14.05 -14.38 15.78
C ALA A 180 -13.71 -13.92 14.38
N CYS A 181 -12.42 -14.00 14.08
CA CYS A 181 -11.86 -13.47 12.85
C CYS A 181 -10.83 -14.47 12.33
N VAL A 182 -10.85 -14.68 11.01
CA VAL A 182 -9.88 -15.52 10.34
C VAL A 182 -9.38 -14.81 9.10
N SER A 183 -8.08 -14.89 8.84
CA SER A 183 -7.51 -14.31 7.63
C SER A 183 -7.33 -15.40 6.57
N LEU A 184 -7.65 -15.06 5.34
CA LEU A 184 -7.49 -15.94 4.20
C LEU A 184 -6.55 -15.26 3.20
N VAL A 185 -5.29 -15.62 3.24
CA VAL A 185 -4.29 -14.99 2.37
C VAL A 185 -3.40 -16.03 1.76
N GLY A 186 -2.85 -15.71 0.59
CA GLY A 186 -1.95 -16.61 -0.11
C GLY A 186 -0.67 -16.80 0.67
N GLY A 187 0.04 -17.89 0.36
CA GLY A 187 1.33 -18.19 0.98
C GLY A 187 1.20 -18.75 2.39
N THR A 188 -0.02 -19.05 2.80
CA THR A 188 -0.30 -19.73 4.06
C THR A 188 -0.95 -21.07 3.75
N ASP A 189 -0.88 -21.99 4.70
CA ASP A 189 -1.41 -23.33 4.48
C ASP A 189 -2.93 -23.27 4.39
N PHE A 190 -3.46 -23.73 3.25
CA PHE A 190 -4.89 -23.64 2.96
C PHE A 190 -5.70 -24.48 3.95
N ARG A 191 -5.29 -25.73 4.15
CA ARG A 191 -5.95 -26.66 5.07
C ARG A 191 -5.99 -26.10 6.50
N ALA A 192 -4.86 -25.61 6.99
CA ALA A 192 -4.77 -25.02 8.33
C ALA A 192 -5.72 -23.83 8.50
N ALA A 193 -5.86 -23.00 7.46
CA ALA A 193 -6.81 -21.89 7.50
C ALA A 193 -8.26 -22.38 7.54
N MET A 194 -8.58 -23.43 6.78
CA MET A 194 -9.92 -23.99 6.76
CA MET A 194 -9.93 -23.99 6.77
C MET A 194 -10.26 -24.64 8.11
N ASN A 195 -9.29 -25.32 8.72
CA ASN A 195 -9.47 -25.85 10.08
C ASN A 195 -9.86 -24.74 11.03
N LYS A 196 -9.25 -23.56 10.84
CA LYS A 196 -9.56 -22.39 11.66
C LYS A 196 -10.97 -21.84 11.39
N MET A 197 -11.38 -21.82 10.13
CA MET A 197 -12.75 -21.44 9.77
C MET A 197 -13.77 -22.35 10.48
N ASN A 198 -13.54 -23.65 10.42
CA ASN A 198 -14.42 -24.63 11.06
C ASN A 198 -14.44 -24.54 12.58
N LYS A 199 -13.26 -24.45 13.17
CA LYS A 199 -13.10 -24.37 14.62
C LYS A 199 -13.73 -23.09 15.18
N LEU A 200 -13.37 -21.94 14.61
CA LEU A 200 -13.80 -20.64 15.14
C LEU A 200 -15.14 -20.11 14.61
N ARG A 201 -15.54 -20.55 13.41
CA ARG A 201 -16.79 -20.08 12.78
C ARG A 201 -16.85 -18.54 12.84
N PRO A 202 -15.88 -17.88 12.18
CA PRO A 202 -15.71 -16.43 12.35
C PRO A 202 -16.85 -15.61 11.76
N ASN A 203 -17.15 -14.48 12.40
CA ASN A 203 -18.08 -13.49 11.85
C ASN A 203 -17.37 -12.48 10.93
N ILE A 204 -16.04 -12.44 11.01
CA ILE A 204 -15.22 -11.52 10.22
C ILE A 204 -14.15 -12.29 9.47
N VAL A 205 -14.08 -12.10 8.16
CA VAL A 205 -13.01 -12.66 7.36
C VAL A 205 -12.20 -11.52 6.75
N ILE A 206 -10.88 -11.60 6.85
CA ILE A 206 -9.99 -10.63 6.18
C ILE A 206 -9.22 -11.42 5.14
N ALA A 207 -9.10 -10.86 3.93
CA ALA A 207 -8.54 -11.65 2.85
C ALA A 207 -7.93 -10.86 1.72
N THR A 208 -7.05 -11.52 0.97
CA THR A 208 -6.57 -11.02 -0.30
C THR A 208 -7.36 -11.74 -1.40
N PRO A 209 -7.50 -11.10 -2.57
CA PRO A 209 -8.45 -11.57 -3.58
C PRO A 209 -8.23 -13.00 -4.09
N GLY A 210 -7.00 -13.36 -4.42
CA GLY A 210 -6.70 -14.67 -4.98
C GLY A 210 -7.15 -15.81 -4.07
N ARG A 211 -6.71 -15.76 -2.82
CA ARG A 211 -7.05 -16.81 -1.87
C ARG A 211 -8.53 -16.82 -1.52
N LEU A 212 -9.14 -15.64 -1.45
CA LEU A 212 -10.58 -15.55 -1.13
C LEU A 212 -11.42 -16.25 -2.20
N ILE A 213 -11.12 -15.98 -3.47
CA ILE A 213 -11.81 -16.64 -4.57
C ILE A 213 -11.63 -18.15 -4.46
N ASP A 214 -10.41 -18.59 -4.20
CA ASP A 214 -10.10 -20.01 -3.97
C ASP A 214 -11.08 -20.60 -2.95
N VAL A 215 -11.16 -19.95 -1.78
CA VAL A 215 -12.04 -20.38 -0.71
C VAL A 215 -13.52 -20.30 -1.11
N LEU A 216 -13.92 -19.21 -1.77
CA LEU A 216 -15.33 -19.02 -2.16
C LEU A 216 -15.82 -20.06 -3.17
N GLU A 217 -14.98 -20.40 -4.15
CA GLU A 217 -15.37 -21.39 -5.15
C GLU A 217 -15.71 -22.74 -4.51
N LYS A 218 -15.09 -23.02 -3.36
CA LYS A 218 -15.27 -24.31 -2.68
C LYS A 218 -16.17 -24.30 -1.45
N TYR A 219 -16.27 -23.17 -0.76
CA TYR A 219 -16.93 -23.13 0.55
C TYR A 219 -17.88 -21.95 0.75
N SER A 220 -18.29 -21.28 -0.32
CA SER A 220 -19.17 -20.11 -0.20
C SER A 220 -20.50 -20.46 0.50
N ASN A 221 -21.06 -21.63 0.22
CA ASN A 221 -22.31 -22.05 0.85
C ASN A 221 -22.16 -22.27 2.35
N LYS A 222 -21.03 -22.85 2.74
CA LYS A 222 -20.81 -23.22 4.13
C LYS A 222 -20.69 -22.03 5.08
N PHE A 223 -19.96 -20.99 4.67
CA PHE A 223 -19.68 -19.84 5.56
C PHE A 223 -20.24 -18.48 5.13
N PHE A 224 -20.56 -18.32 3.85
CA PHE A 224 -20.69 -16.97 3.27
C PHE A 224 -22.08 -16.60 2.74
N ARG A 225 -23.14 -17.26 3.21
CA ARG A 225 -24.50 -16.96 2.71
C ARG A 225 -25.20 -15.84 3.48
N PHE A 226 -24.57 -15.32 4.52
CA PHE A 226 -25.20 -14.31 5.39
C PHE A 226 -24.31 -13.09 5.59
N VAL A 227 -23.48 -12.82 4.59
CA VAL A 227 -22.64 -11.62 4.62
C VAL A 227 -23.53 -10.39 4.51
N ASP A 228 -23.29 -9.40 5.37
CA ASP A 228 -23.99 -8.11 5.33
C ASP A 228 -23.10 -6.94 4.86
N TYR A 229 -21.80 -7.04 5.11
CA TYR A 229 -20.85 -5.99 4.69
C TYR A 229 -19.66 -6.57 3.97
N LYS A 230 -19.24 -5.89 2.90
CA LYS A 230 -17.91 -6.10 2.34
C LYS A 230 -17.14 -4.77 2.32
N VAL A 231 -15.87 -4.83 2.72
CA VAL A 231 -15.03 -3.65 2.81
C VAL A 231 -13.88 -3.80 1.84
N LEU A 232 -13.68 -2.79 1.00
CA LEU A 232 -12.50 -2.73 0.14
C LEU A 232 -11.56 -1.69 0.75
N ASP A 233 -10.53 -2.17 1.44
CA ASP A 233 -9.50 -1.25 1.93
C ASP A 233 -8.55 -1.02 0.77
N GLU A 234 -8.05 0.21 0.64
CA GLU A 234 -7.28 0.63 -0.52
C GLU A 234 -8.10 0.43 -1.80
N ALA A 235 -9.34 0.88 -1.74
CA ALA A 235 -10.35 0.60 -2.78
C ALA A 235 -9.91 0.97 -4.19
N ASP A 236 -9.23 2.09 -4.35
CA ASP A 236 -8.77 2.50 -5.67
C ASP A 236 -7.79 1.48 -6.27
N ARG A 237 -6.89 0.95 -5.45
CA ARG A 237 -5.98 -0.12 -5.88
C ARG A 237 -6.72 -1.39 -6.30
N LEU A 238 -7.70 -1.80 -5.50
CA LEU A 238 -8.46 -3.03 -5.75
C LEU A 238 -9.41 -2.92 -6.96
N LEU A 239 -9.61 -1.70 -7.46
CA LEU A 239 -10.42 -1.48 -8.65
C LEU A 239 -9.60 -1.15 -9.90
N GLU A 240 -8.28 -1.24 -9.79
CA GLU A 240 -7.39 -1.12 -10.96
C GLU A 240 -7.39 -2.41 -11.76
N ILE A 241 -6.83 -2.38 -12.96
CA ILE A 241 -6.72 -3.58 -13.79
C ILE A 241 -5.88 -4.60 -13.04
N GLY A 242 -6.29 -5.86 -13.08
CA GLY A 242 -5.59 -6.92 -12.33
C GLY A 242 -6.19 -7.24 -10.98
N PHE A 243 -6.93 -6.29 -10.39
CA PHE A 243 -7.77 -6.58 -9.23
C PHE A 243 -9.28 -6.45 -9.50
N ARG A 244 -9.66 -5.55 -10.42
CA ARG A 244 -11.06 -5.24 -10.65
C ARG A 244 -11.88 -6.48 -11.02
N ASP A 245 -11.38 -7.29 -11.94
CA ASP A 245 -12.06 -8.55 -12.30
C ASP A 245 -12.23 -9.48 -11.11
N ASP A 246 -11.20 -9.55 -10.25
CA ASP A 246 -11.29 -10.39 -9.05
C ASP A 246 -12.33 -9.90 -8.07
N LEU A 247 -12.39 -8.58 -7.88
CA LEU A 247 -13.38 -8.00 -6.95
C LEU A 247 -14.80 -8.19 -7.50
N GLU A 248 -14.95 -8.15 -8.82
CA GLU A 248 -16.24 -8.42 -9.45
C GLU A 248 -16.64 -9.89 -9.30
N THR A 249 -15.66 -10.79 -9.38
CA THR A 249 -15.91 -12.21 -9.14
C THR A 249 -16.32 -12.43 -7.69
N ILE A 250 -15.54 -11.89 -6.75
CA ILE A 250 -15.87 -11.98 -5.33
C ILE A 250 -17.27 -11.45 -5.05
N SER A 251 -17.55 -10.24 -5.54
CA SER A 251 -18.83 -9.58 -5.30
C SER A 251 -20.00 -10.38 -5.88
N GLY A 252 -19.81 -10.91 -7.08
CA GLY A 252 -20.81 -11.75 -7.73
C GLY A 252 -21.14 -13.01 -6.95
N ILE A 253 -20.12 -13.67 -6.41
CA ILE A 253 -20.33 -14.90 -5.64
C ILE A 253 -21.10 -14.59 -4.35
N LEU A 254 -20.62 -13.61 -3.59
CA LEU A 254 -21.27 -13.21 -2.35
C LEU A 254 -22.73 -12.81 -2.56
N ASN A 255 -23.01 -12.05 -3.61
CA ASN A 255 -24.37 -11.59 -3.91
C ASN A 255 -25.26 -12.76 -4.33
N GLU A 256 -24.73 -13.66 -5.14
CA GLU A 256 -25.44 -14.84 -5.60
C GLU A 256 -25.83 -15.75 -4.42
N LYS A 257 -24.89 -15.99 -3.52
CA LYS A 257 -25.10 -16.94 -2.42
C LYS A 257 -25.88 -16.37 -1.24
N ASN A 258 -26.11 -15.05 -1.22
CA ASN A 258 -26.72 -14.42 -0.07
C ASN A 258 -28.15 -14.90 0.14
N SER A 259 -28.48 -15.26 1.38
CA SER A 259 -29.77 -15.89 1.69
C SER A 259 -30.94 -14.91 1.67
N LYS A 260 -30.66 -13.61 1.80
CA LYS A 260 -31.73 -12.60 1.78
C LYS A 260 -32.02 -12.13 0.38
N SER A 261 -31.04 -11.52 -0.27
CA SER A 261 -31.18 -11.02 -1.64
C SER A 261 -29.83 -10.68 -2.26
N ALA A 262 -29.84 -10.51 -3.57
CA ALA A 262 -28.65 -10.16 -4.33
C ALA A 262 -28.16 -8.73 -4.05
N ASP A 263 -29.01 -7.89 -3.47
CA ASP A 263 -28.64 -6.52 -3.12
C ASP A 263 -28.51 -6.27 -1.60
N ASN A 264 -28.49 -7.35 -0.80
CA ASN A 264 -28.39 -7.22 0.66
C ASN A 264 -27.09 -6.55 1.10
N ILE A 265 -25.98 -6.99 0.51
CA ILE A 265 -24.65 -6.62 1.00
C ILE A 265 -24.39 -5.12 0.82
N LYS A 266 -23.97 -4.47 1.90
CA LYS A 266 -23.50 -3.09 1.85
C LYS A 266 -21.98 -3.08 1.64
N THR A 267 -21.52 -2.13 0.84
CA THR A 267 -20.12 -2.08 0.43
C THR A 267 -19.50 -0.78 0.94
N LEU A 268 -18.34 -0.91 1.59
CA LEU A 268 -17.59 0.21 2.11
C LEU A 268 -16.26 0.34 1.37
N LEU A 269 -15.97 1.51 0.82
CA LEU A 269 -14.70 1.77 0.12
C LEU A 269 -13.86 2.78 0.90
N PHE A 270 -12.62 2.41 1.23
CA PHE A 270 -11.72 3.32 1.95
C PHE A 270 -10.40 3.52 1.21
N SER A 271 -9.94 4.78 1.13
CA SER A 271 -8.59 5.09 0.63
C SER A 271 -8.19 6.53 0.91
N ALA A 272 -6.89 6.80 0.90
CA ALA A 272 -6.40 8.18 0.91
C ALA A 272 -6.51 8.83 -0.47
N THR A 273 -6.64 8.00 -1.50
CA THR A 273 -6.72 8.49 -2.88
C THR A 273 -7.95 7.93 -3.60
N LEU A 274 -9.00 8.74 -3.67
CA LEU A 274 -10.18 8.43 -4.48
C LEU A 274 -11.00 9.69 -4.73
N ASP A 275 -11.82 9.66 -5.77
CA ASP A 275 -12.66 10.78 -6.18
C ASP A 275 -13.99 10.23 -6.75
N ASP A 276 -14.74 11.07 -7.47
CA ASP A 276 -15.99 10.63 -8.12
C ASP A 276 -15.80 9.48 -9.12
N LYS A 277 -14.64 9.42 -9.76
CA LYS A 277 -14.37 8.39 -10.77
C LYS A 277 -14.37 6.95 -10.21
N VAL A 278 -14.10 6.79 -8.91
CA VAL A 278 -14.09 5.45 -8.32
C VAL A 278 -15.47 4.82 -8.31
N GLN A 279 -16.52 5.65 -8.21
CA GLN A 279 -17.89 5.16 -8.26
C GLN A 279 -18.18 4.46 -9.57
N LYS A 280 -17.71 5.03 -10.67
CA LYS A 280 -17.89 4.39 -11.97
C LYS A 280 -17.26 3.02 -11.97
N LEU A 281 -15.98 2.97 -11.57
CA LEU A 281 -15.21 1.72 -11.53
C LEU A 281 -15.87 0.67 -10.62
N ALA A 282 -16.49 1.13 -9.53
CA ALA A 282 -17.10 0.23 -8.55
C ALA A 282 -18.55 -0.13 -8.89
N ASN A 283 -19.09 0.43 -9.98
CA ASN A 283 -20.51 0.29 -10.33
C ASN A 283 -21.04 -1.14 -10.25
N ASN A 284 -20.27 -2.10 -10.75
CA ASN A 284 -20.70 -3.50 -10.80
C ASN A 284 -20.69 -4.21 -9.43
N ILE A 285 -20.02 -3.62 -8.44
CA ILE A 285 -19.96 -4.23 -7.11
C ILE A 285 -20.72 -3.47 -6.01
N MET A 286 -21.28 -2.31 -6.34
CA MET A 286 -22.10 -1.55 -5.40
C MET A 286 -23.56 -1.91 -5.62
N ASN A 287 -24.22 -2.43 -4.58
CA ASN A 287 -25.59 -2.95 -4.68
C ASN A 287 -26.70 -1.91 -4.46
N LYS A 288 -26.41 -0.87 -3.68
CA LYS A 288 -27.46 0.00 -3.15
C LYS A 288 -27.80 1.16 -4.07
N LYS A 289 -29.02 1.66 -3.94
CA LYS A 289 -29.52 2.76 -4.76
C LYS A 289 -28.83 4.11 -4.46
N GLU A 290 -28.29 4.26 -3.25
CA GLU A 290 -27.60 5.48 -2.83
C GLU A 290 -26.18 5.17 -2.38
N CYS A 291 -25.27 6.10 -2.64
CA CYS A 291 -23.89 5.99 -2.14
C CYS A 291 -23.48 7.28 -1.43
N LEU A 292 -23.14 7.13 -0.15
CA LEU A 292 -22.65 8.24 0.66
C LEU A 292 -21.14 8.35 0.49
N PHE A 293 -20.70 9.52 0.02
CA PHE A 293 -19.27 9.81 -0.12
C PHE A 293 -18.87 10.74 1.02
N LEU A 294 -18.23 10.18 2.03
CA LEU A 294 -17.83 10.90 3.23
C LEU A 294 -16.38 11.34 3.11
N ASP A 295 -16.16 12.64 2.93
CA ASP A 295 -14.85 13.19 2.60
C ASP A 295 -14.29 14.02 3.76
N THR A 296 -13.07 13.72 4.18
CA THR A 296 -12.38 14.51 5.21
C THR A 296 -11.29 15.41 4.60
N VAL A 297 -11.25 15.48 3.27
CA VAL A 297 -10.28 16.30 2.55
C VAL A 297 -11.04 17.19 1.56
N ASP A 298 -10.68 18.48 1.49
CA ASP A 298 -11.31 19.38 0.52
C ASP A 298 -11.08 18.89 -0.92
N LYS A 299 -11.96 19.30 -1.83
CA LYS A 299 -11.93 18.83 -3.21
C LYS A 299 -10.63 19.19 -3.94
N ASN A 300 -10.18 20.43 -3.77
CA ASN A 300 -8.94 20.91 -4.42
C ASN A 300 -7.69 20.79 -3.54
N GLU A 301 -7.86 20.26 -2.33
CA GLU A 301 -6.76 20.05 -1.39
C GLU A 301 -5.97 18.81 -1.81
N PRO A 302 -4.63 18.86 -1.74
CA PRO A 302 -3.83 17.69 -2.08
C PRO A 302 -4.02 16.54 -1.11
N GLU A 303 -3.95 15.31 -1.62
CA GLU A 303 -4.24 14.11 -0.84
C GLU A 303 -3.06 13.70 0.04
N ALA A 304 -1.85 14.12 -0.31
CA ALA A 304 -0.65 13.90 0.51
C ALA A 304 -0.82 14.51 1.90
N HIS A 305 -0.30 13.82 2.92
CA HIS A 305 -0.38 14.35 4.28
C HIS A 305 0.53 15.56 4.41
N GLU A 306 -0.05 16.68 4.81
CA GLU A 306 0.63 17.99 4.85
C GLU A 306 1.78 18.08 5.85
N ARG A 307 1.77 17.22 6.86
CA ARG A 307 2.83 17.20 7.86
C ARG A 307 4.16 16.67 7.30
N ILE A 308 4.11 15.93 6.20
CA ILE A 308 5.32 15.32 5.64
C ILE A 308 6.19 16.39 4.97
N ASP A 309 7.45 16.46 5.39
CA ASP A 309 8.40 17.40 4.79
C ASP A 309 9.01 16.75 3.54
N GLN A 310 8.42 17.06 2.38
CA GLN A 310 8.80 16.42 1.12
C GLN A 310 9.95 17.14 0.42
N SER A 311 10.84 16.38 -0.19
CA SER A 311 11.85 16.95 -1.07
C SER A 311 12.15 16.01 -2.23
N VAL A 312 12.77 16.57 -3.27
CA VAL A 312 13.24 15.79 -4.41
C VAL A 312 14.71 16.09 -4.68
N VAL A 313 15.47 15.04 -4.94
CA VAL A 313 16.90 15.14 -5.25
C VAL A 313 17.11 14.63 -6.68
N ILE A 314 17.56 15.53 -7.56
CA ILE A 314 17.61 15.28 -9.01
C ILE A 314 19.05 15.06 -9.47
N SER A 315 19.32 13.89 -10.04
CA SER A 315 20.63 13.57 -10.58
C SER A 315 20.60 13.61 -12.11
N GLU A 316 21.78 13.58 -12.71
CA GLU A 316 21.87 13.54 -14.16
C GLU A 316 21.59 12.12 -14.69
N LYS A 317 21.89 11.10 -13.89
CA LYS A 317 21.70 9.71 -14.27
C LYS A 317 20.90 8.92 -13.25
N PHE A 318 20.08 7.96 -13.71
CA PHE A 318 19.28 7.10 -12.82
C PHE A 318 20.16 6.45 -11.75
N ALA A 319 21.27 5.87 -12.19
CA ALA A 319 22.21 5.20 -11.30
C ALA A 319 22.71 6.10 -10.16
N ASN A 320 22.87 7.39 -10.46
CA ASN A 320 23.35 8.35 -9.46
C ASN A 320 22.40 8.50 -8.27
N SER A 321 21.13 8.15 -8.44
CA SER A 321 20.18 8.14 -7.34
C SER A 321 20.56 7.13 -6.27
N ILE A 322 21.23 6.04 -6.66
CA ILE A 322 21.74 5.07 -5.70
C ILE A 322 22.81 5.71 -4.79
N PHE A 323 23.76 6.42 -5.39
CA PHE A 323 24.82 7.06 -4.64
C PHE A 323 24.27 8.17 -3.74
N ALA A 324 23.35 8.96 -4.29
CA ALA A 324 22.68 10.03 -3.53
C ALA A 324 21.98 9.47 -2.28
N ALA A 325 21.27 8.36 -2.43
CA ALA A 325 20.57 7.71 -1.32
C ALA A 325 21.54 7.18 -0.25
N VAL A 326 22.63 6.56 -0.68
CA VAL A 326 23.67 6.09 0.25
C VAL A 326 24.26 7.24 1.07
N GLU A 327 24.56 8.36 0.41
CA GLU A 327 25.13 9.50 1.12
C GLU A 327 24.12 10.12 2.08
N HIS A 328 22.87 10.19 1.65
CA HIS A 328 21.80 10.69 2.51
C HIS A 328 21.65 9.84 3.78
N ILE A 329 21.59 8.52 3.61
CA ILE A 329 21.46 7.60 4.75
C ILE A 329 22.67 7.71 5.69
N LYS A 330 23.86 7.84 5.11
CA LYS A 330 25.09 8.01 5.89
C LYS A 330 24.98 9.26 6.79
N LYS A 331 24.54 10.36 6.20
CA LYS A 331 24.37 11.60 6.91
C LYS A 331 23.36 11.47 8.04
N GLN A 332 22.20 10.86 7.75
CA GLN A 332 21.16 10.67 8.76
C GLN A 332 21.63 9.80 9.93
N ILE A 333 22.37 8.73 9.64
CA ILE A 333 22.90 7.85 10.69
C ILE A 333 23.87 8.61 11.60
N LYS A 334 24.70 9.45 11.02
CA LYS A 334 25.64 10.27 11.78
C LYS A 334 24.89 11.32 12.62
N GLU A 335 24.03 12.10 11.97
CA GLU A 335 23.37 13.24 12.63
C GLU A 335 22.36 12.82 13.69
N ARG A 336 21.70 11.68 13.49
CA ARG A 336 20.71 11.19 14.44
C ARG A 336 21.30 10.18 15.44
N ASP A 337 22.62 9.99 15.40
CA ASP A 337 23.31 9.06 16.29
C ASP A 337 22.67 7.67 16.18
N SER A 338 22.51 7.22 14.95
CA SER A 338 21.89 5.92 14.62
C SER A 338 20.42 5.74 15.04
N ASN A 339 19.78 6.80 15.56
CA ASN A 339 18.36 6.77 15.89
C ASN A 339 17.57 7.05 14.62
N TYR A 340 17.54 6.08 13.72
CA TYR A 340 17.04 6.29 12.37
C TYR A 340 16.24 5.08 11.92
N LYS A 341 14.96 5.32 11.68
CA LYS A 341 14.05 4.31 11.15
C LYS A 341 13.56 4.84 9.82
N ALA A 342 13.84 4.11 8.74
CA ALA A 342 13.52 4.57 7.40
C ALA A 342 12.98 3.46 6.53
N ILE A 343 12.22 3.84 5.51
CA ILE A 343 11.75 2.94 4.47
C ILE A 343 12.24 3.48 3.15
N ILE A 344 12.85 2.63 2.35
CA ILE A 344 13.34 3.02 1.04
C ILE A 344 12.67 2.15 -0.02
N PHE A 345 11.94 2.81 -0.92
CA PHE A 345 11.21 2.13 -1.99
C PHE A 345 12.03 2.06 -3.27
N ALA A 346 11.86 0.96 -4.01
CA ALA A 346 12.51 0.77 -5.30
C ALA A 346 11.53 0.18 -6.32
N PRO A 347 11.82 0.30 -7.63
CA PRO A 347 10.85 -0.05 -8.67
C PRO A 347 10.58 -1.54 -8.90
N THR A 348 11.58 -2.39 -8.73
CA THR A 348 11.44 -3.82 -9.07
C THR A 348 12.00 -4.71 -7.98
N VAL A 349 11.54 -5.95 -7.98
CA VAL A 349 12.01 -6.96 -7.04
C VAL A 349 13.52 -7.16 -7.17
N LYS A 350 14.00 -7.34 -8.39
CA LYS A 350 15.42 -7.59 -8.61
C LYS A 350 16.27 -6.40 -8.15
N PHE A 351 15.80 -5.19 -8.42
CA PHE A 351 16.55 -4.01 -8.01
C PHE A 351 16.48 -3.81 -6.49
N THR A 352 15.33 -4.10 -5.89
CA THR A 352 15.19 -4.03 -4.44
C THR A 352 16.19 -4.96 -3.76
N SER A 353 16.29 -6.19 -4.28
CA SER A 353 17.26 -7.15 -3.76
C SER A 353 18.71 -6.64 -3.89
N PHE A 354 19.03 -6.07 -5.06
CA PHE A 354 20.33 -5.44 -5.33
C PHE A 354 20.62 -4.29 -4.35
N LEU A 355 19.64 -3.41 -4.21
CA LEU A 355 19.76 -2.23 -3.33
C LEU A 355 19.99 -2.67 -1.88
N CYS A 356 19.29 -3.73 -1.48
CA CYS A 356 19.50 -4.29 -0.16
C CYS A 356 20.95 -4.74 0.06
N SER A 357 21.53 -5.43 -0.93
CA SER A 357 22.94 -5.84 -0.84
C SER A 357 23.87 -4.66 -0.64
N ILE A 358 23.67 -3.60 -1.42
CA ILE A 358 24.49 -2.40 -1.27
C ILE A 358 24.32 -1.79 0.13
N LEU A 359 23.07 -1.71 0.59
CA LEU A 359 22.81 -1.06 1.87
C LEU A 359 23.35 -1.87 3.04
N LYS A 360 23.35 -3.20 2.94
CA LYS A 360 23.98 -4.05 3.95
C LYS A 360 25.48 -3.82 4.04
N ASN A 361 26.14 -3.77 2.88
CA ASN A 361 27.57 -3.50 2.83
C ASN A 361 27.95 -2.14 3.43
N GLU A 362 27.16 -1.12 3.14
CA GLU A 362 27.37 0.20 3.71
C GLU A 362 26.98 0.32 5.19
N PHE A 363 25.84 -0.27 5.57
CA PHE A 363 25.18 0.11 6.83
C PHE A 363 24.81 -1.00 7.83
N LYS A 364 25.04 -2.27 7.51
CA LYS A 364 24.66 -3.36 8.43
C LYS A 364 25.35 -3.24 9.79
N LYS A 365 26.56 -2.68 9.82
CA LYS A 365 27.26 -2.40 11.08
C LYS A 365 26.57 -1.32 11.93
N ASP A 366 25.77 -0.46 11.31
CA ASP A 366 25.12 0.66 11.99
C ASP A 366 23.65 0.39 12.34
N LEU A 367 22.96 -0.34 11.46
CA LEU A 367 21.51 -0.59 11.60
C LEU A 367 21.12 -1.89 10.92
N PRO A 368 20.00 -2.50 11.34
CA PRO A 368 19.49 -3.65 10.60
C PRO A 368 18.93 -3.23 9.25
N ILE A 369 19.16 -4.04 8.23
CA ILE A 369 18.63 -3.79 6.89
C ILE A 369 17.70 -4.94 6.54
N LEU A 370 16.43 -4.62 6.27
CA LEU A 370 15.39 -5.64 6.03
C LEU A 370 14.92 -5.63 4.58
N GLU A 371 14.85 -6.80 3.98
CA GLU A 371 14.47 -6.94 2.57
C GLU A 371 13.03 -7.46 2.44
N PHE A 372 12.18 -6.67 1.78
CA PHE A 372 10.74 -6.88 1.78
C PHE A 372 10.18 -6.73 0.36
N HIS A 373 9.84 -7.86 -0.25
CA HIS A 373 9.18 -7.87 -1.56
C HIS A 373 8.41 -9.19 -1.75
N GLY A 374 7.76 -9.34 -2.91
CA GLY A 374 6.89 -10.48 -3.18
C GLY A 374 7.56 -11.83 -3.42
N LYS A 375 8.88 -11.85 -3.55
CA LYS A 375 9.61 -13.11 -3.65
C LYS A 375 10.25 -13.55 -2.33
N ILE A 376 10.03 -12.80 -1.25
CA ILE A 376 10.41 -13.23 0.09
C ILE A 376 9.32 -14.20 0.56
N THR A 377 9.70 -15.32 1.18
CA THR A 377 8.68 -16.28 1.62
C THR A 377 7.68 -15.59 2.57
N GLN A 378 6.44 -16.06 2.58
CA GLN A 378 5.41 -15.38 3.36
C GLN A 378 5.69 -15.42 4.86
N ASN A 379 6.24 -16.53 5.34
CA ASN A 379 6.66 -16.62 6.74
C ASN A 379 7.65 -15.54 7.10
N LYS A 380 8.61 -15.29 6.21
CA LYS A 380 9.63 -14.27 6.44
C LYS A 380 9.06 -12.87 6.28
N ARG A 381 8.13 -12.70 5.34
CA ARG A 381 7.45 -11.41 5.18
C ARG A 381 6.77 -11.03 6.49
N THR A 382 6.05 -11.99 7.07
CA THR A 382 5.30 -11.75 8.29
C THR A 382 6.22 -11.47 9.49
N SER A 383 7.32 -12.21 9.63
CA SER A 383 8.24 -11.97 10.75
C SER A 383 8.97 -10.62 10.62
N LEU A 384 9.34 -10.23 9.41
CA LEU A 384 10.01 -8.94 9.26
C LEU A 384 9.05 -7.77 9.47
N VAL A 385 7.78 -7.94 9.10
CA VAL A 385 6.77 -6.91 9.39
C VAL A 385 6.60 -6.75 10.90
N LYS A 386 6.48 -7.87 11.61
CA LYS A 386 6.39 -7.87 13.07
C LYS A 386 7.60 -7.17 13.72
N ARG A 387 8.80 -7.47 13.23
CA ARG A 387 10.01 -6.85 13.77
C ARG A 387 10.07 -5.35 13.48
N PHE A 388 9.81 -4.95 12.23
CA PHE A 388 9.93 -3.54 11.88
C PHE A 388 8.87 -2.68 12.55
N LYS A 389 7.71 -3.25 12.85
CA LYS A 389 6.70 -2.55 13.65
C LYS A 389 7.24 -2.18 15.04
N LYS A 390 7.96 -3.10 15.69
CA LYS A 390 8.45 -2.87 17.06
C LYS A 390 9.80 -2.16 17.13
N ASP A 391 10.65 -2.31 16.11
CA ASP A 391 12.00 -1.73 16.14
C ASP A 391 11.99 -0.20 16.17
N GLU A 392 12.93 0.36 16.91
CA GLU A 392 13.10 1.81 17.04
C GLU A 392 13.84 2.40 15.85
N SER A 393 14.61 1.55 15.17
CA SER A 393 15.51 1.97 14.11
C SER A 393 15.69 0.82 13.14
N GLY A 394 16.25 1.12 11.97
CA GLY A 394 16.45 0.14 10.92
C GLY A 394 16.00 0.68 9.58
N ILE A 395 16.37 -0.03 8.51
CA ILE A 395 15.97 0.36 7.17
C ILE A 395 15.22 -0.77 6.49
N LEU A 396 13.97 -0.49 6.12
CA LEU A 396 13.15 -1.41 5.35
C LEU A 396 13.32 -1.06 3.87
N VAL A 397 13.85 -2.01 3.10
CA VAL A 397 14.04 -1.87 1.67
C VAL A 397 12.97 -2.69 0.95
N CYS A 398 12.10 -2.02 0.20
CA CYS A 398 10.94 -2.68 -0.37
C CYS A 398 10.45 -2.17 -1.72
N THR A 399 9.65 -3.01 -2.36
CA THR A 399 8.87 -2.64 -3.54
C THR A 399 7.57 -2.02 -3.07
N ASP A 400 6.66 -1.73 -4.00
CA ASP A 400 5.32 -1.26 -3.63
C ASP A 400 4.45 -2.29 -2.90
N VAL A 401 4.94 -3.50 -2.67
CA VAL A 401 4.27 -4.38 -1.72
C VAL A 401 4.03 -3.65 -0.39
N GLY A 402 4.97 -2.78 0.00
CA GLY A 402 4.86 -2.00 1.22
C GLY A 402 4.35 -0.57 1.10
N ALA A 403 3.80 -0.20 -0.06
CA ALA A 403 3.41 1.19 -0.30
C ALA A 403 2.10 1.56 0.39
N ARG A 404 1.17 0.61 0.46
CA ARG A 404 -0.16 0.89 0.95
C ARG A 404 -0.48 0.24 2.30
N GLY A 405 -1.11 1.02 3.17
CA GLY A 405 -1.73 0.50 4.39
C GLY A 405 -0.80 0.20 5.55
N MET A 406 0.39 -0.30 5.26
CA MET A 406 1.26 -0.82 6.31
C MET A 406 1.60 0.28 7.32
N ASP A 407 1.40 -0.07 8.59
CA ASP A 407 1.51 0.87 9.69
C ASP A 407 2.71 0.46 10.55
N PHE A 408 3.85 1.05 10.26
CA PHE A 408 5.07 0.85 11.02
C PHE A 408 5.29 2.11 11.86
N PRO A 409 5.10 2.02 13.18
CA PRO A 409 5.16 3.25 13.98
C PRO A 409 6.52 3.96 13.97
N ASN A 410 6.47 5.28 13.94
CA ASN A 410 7.65 6.13 14.17
C ASN A 410 8.76 5.94 13.15
N VAL A 411 8.36 5.73 11.89
CA VAL A 411 9.30 5.85 10.78
C VAL A 411 9.62 7.34 10.63
N HIS A 412 10.91 7.66 10.64
CA HIS A 412 11.38 9.05 10.47
C HIS A 412 11.31 9.50 9.02
N GLU A 413 11.74 8.63 8.10
CA GLU A 413 11.88 9.01 6.70
C GLU A 413 11.42 7.93 5.73
N VAL A 414 10.81 8.37 4.65
CA VAL A 414 10.56 7.53 3.48
C VAL A 414 11.42 8.02 2.33
N LEU A 415 12.20 7.11 1.77
CA LEU A 415 13.05 7.41 0.64
C LEU A 415 12.52 6.63 -0.57
N GLN A 416 12.69 7.20 -1.76
CA GLN A 416 12.30 6.56 -3.00
C GLN A 416 13.44 6.67 -3.99
N ILE A 417 13.85 5.53 -4.54
CA ILE A 417 14.78 5.53 -5.65
C ILE A 417 13.94 5.26 -6.89
N GLY A 418 13.79 6.28 -7.73
CA GLY A 418 12.96 6.19 -8.90
C GLY A 418 11.49 6.35 -8.57
N VAL A 419 10.66 6.18 -9.58
CA VAL A 419 9.24 6.48 -9.47
C VAL A 419 8.44 5.26 -9.01
N PRO A 420 7.26 5.50 -8.42
CA PRO A 420 6.39 4.39 -8.03
C PRO A 420 5.71 3.70 -9.21
N SER A 421 5.08 2.55 -8.94
CA SER A 421 4.43 1.74 -9.99
C SER A 421 3.15 2.38 -10.54
N GLU A 422 2.60 3.35 -9.81
CA GLU A 422 1.43 4.11 -10.23
C GLU A 422 1.51 5.46 -9.55
N LEU A 423 0.93 6.49 -10.15
CA LEU A 423 1.02 7.86 -9.63
C LEU A 423 0.54 7.96 -8.17
N ALA A 424 -0.62 7.40 -7.87
CA ALA A 424 -1.20 7.46 -6.52
C ALA A 424 -0.27 6.90 -5.45
N ASN A 425 0.58 5.94 -5.83
CA ASN A 425 1.48 5.32 -4.87
C ASN A 425 2.56 6.26 -4.33
N TYR A 426 2.80 7.39 -5.00
CA TYR A 426 3.64 8.42 -4.41
C TYR A 426 3.07 8.84 -3.05
N ILE A 427 1.78 9.14 -3.03
CA ILE A 427 1.07 9.60 -1.82
C ILE A 427 1.08 8.52 -0.74
N HIS A 428 0.84 7.28 -1.14
CA HIS A 428 0.84 6.14 -0.20
C HIS A 428 2.24 5.83 0.34
N ARG A 429 3.24 5.82 -0.54
CA ARG A 429 4.63 5.62 -0.13
C ARG A 429 5.03 6.62 0.97
N ILE A 430 4.90 7.92 0.72
CA ILE A 430 5.35 8.91 1.69
C ILE A 430 4.50 8.88 2.96
N GLY A 431 3.26 8.43 2.82
CA GLY A 431 2.36 8.22 3.96
C GLY A 431 2.74 7.09 4.92
N ARG A 432 3.81 6.34 4.63
CA ARG A 432 4.32 5.38 5.60
C ARG A 432 4.93 6.11 6.82
N THR A 433 5.30 7.38 6.65
CA THR A 433 5.74 8.24 7.76
C THR A 433 4.65 9.25 8.11
N ALA A 434 4.85 10.00 9.19
CA ALA A 434 3.90 11.02 9.65
C ALA A 434 2.51 10.44 9.91
N ARG A 435 2.48 9.32 10.64
CA ARG A 435 1.25 8.64 10.98
C ARG A 435 0.85 8.96 12.42
N SER A 436 -0.45 8.95 12.68
CA SER A 436 -1.00 9.10 14.04
C SER A 436 -0.39 10.29 14.78
N GLY A 437 -0.42 11.45 14.12
CA GLY A 437 0.07 12.70 14.72
C GLY A 437 1.57 12.89 14.76
N LYS A 438 2.36 11.93 14.28
CA LYS A 438 3.82 12.06 14.32
C LYS A 438 4.33 12.89 13.15
N GLU A 439 5.57 13.36 13.25
CA GLU A 439 6.21 14.07 12.16
C GLU A 439 6.84 13.08 11.19
N GLY A 440 7.31 13.58 10.05
CA GLY A 440 8.01 12.75 9.08
C GLY A 440 8.54 13.54 7.90
N SER A 441 9.52 12.94 7.21
CA SER A 441 10.10 13.51 6.00
C SER A 441 10.13 12.48 4.88
N SER A 442 10.21 12.97 3.64
CA SER A 442 10.36 12.10 2.48
C SER A 442 11.32 12.73 1.48
N VAL A 443 12.14 11.88 0.86
CA VAL A 443 13.05 12.31 -0.20
C VAL A 443 12.85 11.42 -1.43
N LEU A 444 12.56 12.06 -2.57
CA LEU A 444 12.46 11.38 -3.85
C LEU A 444 13.77 11.53 -4.63
N PHE A 445 14.45 10.42 -4.88
CA PHE A 445 15.68 10.42 -5.65
C PHE A 445 15.40 10.01 -7.10
N ILE A 446 15.43 10.99 -8.01
CA ILE A 446 15.18 10.73 -9.42
C ILE A 446 16.26 11.34 -10.31
N CYS A 447 16.29 10.91 -11.56
CA CYS A 447 17.16 11.53 -12.55
C CYS A 447 16.38 12.51 -13.42
N LYS A 448 17.10 13.35 -14.15
CA LYS A 448 16.49 14.42 -14.97
C LYS A 448 15.38 13.91 -15.89
N ASP A 449 15.62 12.77 -16.51
CA ASP A 449 14.65 12.19 -17.44
C ASP A 449 13.36 11.70 -16.77
N GLU A 450 13.37 11.57 -15.44
CA GLU A 450 12.16 11.26 -14.68
C GLU A 450 11.39 12.51 -14.22
N LEU A 451 11.86 13.70 -14.56
CA LEU A 451 11.18 14.95 -14.11
C LEU A 451 9.71 15.09 -14.52
N PRO A 452 9.31 14.57 -15.69
CA PRO A 452 7.89 14.65 -16.07
C PRO A 452 6.93 13.99 -15.06
N PHE A 453 7.42 13.05 -14.26
CA PHE A 453 6.67 12.50 -13.14
C PHE A 453 6.32 13.55 -12.10
N VAL A 454 7.30 14.39 -11.77
CA VAL A 454 7.10 15.46 -10.79
C VAL A 454 6.09 16.50 -11.30
N ARG A 455 6.12 16.78 -12.60
CA ARG A 455 5.16 17.68 -13.22
C ARG A 455 3.75 17.08 -13.19
N GLU A 456 3.64 15.78 -13.46
CA GLU A 456 2.35 15.08 -13.44
C GLU A 456 1.75 15.02 -12.02
N LEU A 457 2.60 14.92 -10.99
CA LEU A 457 2.14 15.03 -9.60
C LEU A 457 1.49 16.38 -9.33
N GLU A 458 2.08 17.46 -9.87
CA GLU A 458 1.48 18.79 -9.77
C GLU A 458 0.18 18.87 -10.56
N ASP A 459 0.22 18.47 -11.83
CA ASP A 459 -0.91 18.63 -12.74
C ASP A 459 -2.11 17.74 -12.37
N ALA A 460 -1.85 16.48 -12.04
CA ALA A 460 -2.92 15.52 -11.75
C ALA A 460 -3.36 15.51 -10.29
N LYS A 461 -2.40 15.60 -9.37
CA LYS A 461 -2.68 15.43 -7.94
C LYS A 461 -2.48 16.68 -7.08
N ASN A 462 -2.08 17.79 -7.71
CA ASN A 462 -1.96 19.06 -7.01
C ASN A 462 -0.87 19.05 -5.95
N ILE A 463 0.14 18.21 -6.16
CA ILE A 463 1.25 18.06 -5.22
C ILE A 463 2.49 18.78 -5.74
N VAL A 464 2.89 19.84 -5.04
CA VAL A 464 4.04 20.67 -5.42
C VAL A 464 5.14 20.50 -4.37
N ILE A 465 6.26 19.93 -4.80
CA ILE A 465 7.38 19.64 -3.90
C ILE A 465 8.26 20.88 -3.82
N ALA A 466 8.22 21.55 -2.68
CA ALA A 466 8.90 22.83 -2.50
C ALA A 466 10.42 22.70 -2.50
N LYS A 467 10.93 21.69 -1.81
CA LYS A 467 12.38 21.48 -1.72
C LYS A 467 12.90 20.60 -2.85
N GLN A 468 13.62 21.22 -3.78
CA GLN A 468 14.23 20.51 -4.90
C GLN A 468 15.69 20.90 -5.02
N GLU A 469 16.58 19.92 -5.12
CA GLU A 469 18.02 20.18 -5.28
C GLU A 469 18.68 19.19 -6.22
N LYS A 470 19.87 19.55 -6.70
CA LYS A 470 20.63 18.72 -7.62
C LYS A 470 21.66 17.90 -6.86
N TYR A 471 22.12 16.81 -7.49
CA TYR A 471 23.14 15.95 -6.91
C TYR A 471 24.10 15.46 -7.98
N GLU A 472 25.38 15.42 -7.66
CA GLU A 472 26.39 14.83 -8.51
C GLU A 472 27.35 14.03 -7.64
N PRO A 473 27.53 12.73 -7.94
CA PRO A 473 28.34 11.88 -7.08
C PRO A 473 29.84 12.14 -7.26
N SER A 474 30.57 12.11 -6.14
CA SER A 474 32.03 12.17 -6.18
C SER A 474 32.54 10.83 -6.70
N GLU A 475 33.77 10.81 -7.22
CA GLU A 475 34.41 9.54 -7.59
C GLU A 475 34.61 8.65 -6.36
N GLU A 476 34.75 9.27 -5.19
CA GLU A 476 34.95 8.53 -3.94
C GLU A 476 33.71 7.67 -3.58
N ILE A 477 32.53 8.28 -3.60
CA ILE A 477 31.31 7.54 -3.28
C ILE A 477 31.02 6.45 -4.33
N LYS A 478 31.28 6.73 -5.60
CA LYS A 478 31.12 5.73 -6.66
C LYS A 478 32.01 4.51 -6.41
N SER A 479 33.29 4.74 -6.15
CA SER A 479 34.23 3.66 -5.86
C SER A 479 33.81 2.86 -4.62
N GLU A 480 33.41 3.57 -3.56
CA GLU A 480 32.98 2.91 -2.34
C GLU A 480 31.79 1.99 -2.60
N VAL A 481 30.79 2.49 -3.31
CA VAL A 481 29.57 1.72 -3.54
C VAL A 481 29.82 0.57 -4.51
N LEU A 482 30.51 0.84 -5.61
CA LEU A 482 30.73 -0.17 -6.65
C LEU A 482 31.63 -1.33 -6.22
N GLU A 483 32.61 -1.08 -5.37
CA GLU A 483 33.61 -2.09 -5.02
C GLU A 483 33.02 -3.26 -4.24
N ALA A 484 31.99 -2.99 -3.44
CA ALA A 484 31.35 -4.02 -2.62
C ALA A 484 30.27 -4.82 -3.37
N VAL A 485 29.91 -4.35 -4.57
CA VAL A 485 28.99 -5.07 -5.45
C VAL A 485 29.60 -6.41 -5.88
N THR A 486 28.98 -7.51 -5.47
CA THR A 486 29.47 -8.86 -5.79
C THR A 486 28.70 -9.54 -6.92
N GLU A 487 27.67 -8.86 -7.44
CA GLU A 487 26.87 -9.41 -8.54
C GLU A 487 27.69 -9.63 -9.79
N GLU A 488 27.44 -10.75 -10.48
CA GLU A 488 28.05 -11.03 -11.77
C GLU A 488 27.42 -10.14 -12.85
N PRO A 489 28.09 -10.00 -14.01
CA PRO A 489 27.54 -9.20 -15.11
C PRO A 489 26.13 -9.65 -15.52
N GLU A 490 25.92 -10.96 -15.59
CA GLU A 490 24.63 -11.56 -15.93
C GLU A 490 23.55 -11.15 -14.93
N ASP A 491 23.91 -11.02 -13.66
CA ASP A 491 22.98 -10.55 -12.62
C ASP A 491 22.64 -9.08 -12.83
N ILE A 492 23.65 -8.26 -13.16
CA ILE A 492 23.44 -6.83 -13.40
C ILE A 492 22.51 -6.64 -14.59
N SER A 493 22.73 -7.43 -15.65
CA SER A 493 21.87 -7.42 -16.82
C SER A 493 20.41 -7.71 -16.45
N ASP A 494 20.19 -8.75 -15.63
CA ASP A 494 18.85 -9.11 -15.15
C ASP A 494 18.23 -7.93 -14.39
N ILE A 495 19.02 -7.32 -13.51
CA ILE A 495 18.53 -6.21 -12.70
C ILE A 495 18.13 -5.02 -13.57
N VAL A 496 19.00 -4.62 -14.48
CA VAL A 496 18.75 -3.44 -15.31
C VAL A 496 17.61 -3.68 -16.30
N ILE A 497 17.55 -4.89 -16.86
CA ILE A 497 16.45 -5.27 -17.73
C ILE A 497 15.10 -5.19 -17.00
N SER A 498 15.05 -5.62 -15.74
CA SER A 498 13.84 -5.47 -14.92
C SER A 498 13.41 -3.99 -14.84
N LEU A 499 14.39 -3.09 -14.68
CA LEU A 499 14.13 -1.66 -14.66
C LEU A 499 13.63 -1.14 -16.00
N ILE A 500 14.22 -1.62 -17.09
CA ILE A 500 13.78 -1.22 -18.43
C ILE A 500 12.30 -1.56 -18.62
N SER A 501 11.93 -2.80 -18.29
CA SER A 501 10.54 -3.26 -18.41
C SER A 501 9.56 -2.47 -17.54
N SER A 502 9.95 -2.16 -16.30
CA SER A 502 9.06 -1.42 -15.41
C SER A 502 8.88 0.03 -15.87
N TYR A 503 9.96 0.69 -16.25
CA TYR A 503 9.90 2.07 -16.74
C TYR A 503 9.13 2.17 -18.05
N ARG A 504 9.28 1.15 -18.88
CA ARG A 504 8.59 1.12 -20.17
C ARG A 504 7.08 1.16 -19.98
N SER A 505 6.59 0.46 -18.95
CA SER A 505 5.14 0.36 -18.71
C SER A 505 4.50 1.63 -18.13
N CYS A 506 5.29 2.60 -17.69
CA CYS A 506 4.74 3.84 -17.14
C CYS A 506 5.11 5.10 -17.95
N ILE A 507 5.68 4.90 -19.14
CA ILE A 507 6.06 6.00 -20.04
C ILE A 507 4.88 6.91 -20.37
N LYS A 508 3.75 6.31 -20.74
CA LYS A 508 2.54 7.08 -21.04
C LYS A 508 1.94 7.77 -19.81
N GLU A 509 1.86 7.04 -18.70
CA GLU A 509 1.25 7.55 -17.46
C GLU A 509 2.00 8.76 -16.90
N TYR A 510 3.33 8.72 -16.95
CA TYR A 510 4.16 9.79 -16.39
C TYR A 510 4.69 10.74 -17.46
N ARG A 511 4.24 10.57 -18.71
CA ARG A 511 4.62 11.46 -19.82
C ARG A 511 6.14 11.51 -20.04
N PHE A 512 6.80 10.36 -19.95
CA PHE A 512 8.24 10.27 -20.23
C PHE A 512 8.50 10.33 -21.73
N SER A 513 9.70 10.77 -22.08
CA SER A 513 10.19 10.66 -23.44
C SER A 513 10.92 9.31 -23.56
N GLU A 514 10.33 8.38 -24.29
CA GLU A 514 10.90 7.03 -24.46
C GLU A 514 12.34 7.06 -24.95
N ARG A 515 12.63 7.93 -25.92
CA ARG A 515 13.97 8.01 -26.52
C ARG A 515 15.05 8.46 -25.54
N ARG A 516 14.65 9.13 -24.45
CA ARG A 516 15.61 9.53 -23.42
C ARG A 516 15.61 8.60 -22.21
N ILE A 517 14.43 8.28 -21.67
CA ILE A 517 14.37 7.50 -20.43
C ILE A 517 14.91 6.07 -20.59
N LEU A 518 14.58 5.40 -21.68
CA LEU A 518 14.95 3.99 -21.81
C LEU A 518 16.47 3.77 -21.97
N PRO A 519 17.15 4.57 -22.82
CA PRO A 519 18.62 4.49 -22.88
C PRO A 519 19.29 4.87 -21.56
N GLU A 520 18.76 5.90 -20.88
CA GLU A 520 19.28 6.28 -19.58
C GLU A 520 19.19 5.12 -18.58
N ILE A 521 18.03 4.46 -18.50
CA ILE A 521 17.87 3.31 -17.59
C ILE A 521 18.85 2.19 -17.98
N ALA A 522 18.94 1.89 -19.27
CA ALA A 522 19.83 0.83 -19.78
C ALA A 522 21.30 1.11 -19.47
N SER A 523 21.67 2.39 -19.52
CA SER A 523 23.06 2.82 -19.28
C SER A 523 23.52 2.52 -17.85
N THR A 524 22.57 2.28 -16.95
CA THR A 524 22.87 1.83 -15.59
C THR A 524 23.78 0.59 -15.58
N TYR A 525 23.66 -0.26 -16.60
CA TYR A 525 24.48 -1.46 -16.72
C TYR A 525 25.97 -1.11 -16.82
N GLY A 526 26.29 -0.20 -17.73
CA GLY A 526 27.65 0.29 -17.89
C GLY A 526 28.18 1.02 -16.66
N VAL A 527 27.32 1.82 -16.01
CA VAL A 527 27.71 2.55 -14.81
C VAL A 527 28.08 1.59 -13.69
N LEU A 528 27.22 0.60 -13.44
CA LEU A 528 27.49 -0.40 -12.40
C LEU A 528 28.71 -1.28 -12.70
N LEU A 529 29.02 -1.49 -13.97
CA LEU A 529 30.25 -2.20 -14.35
C LEU A 529 31.44 -1.23 -14.55
N ASN A 530 31.25 0.05 -14.20
CA ASN A 530 32.28 1.09 -14.31
C ASN A 530 32.87 1.24 -15.73
N ASP A 531 32.03 1.08 -16.74
CA ASP A 531 32.43 1.27 -18.15
C ASP A 531 31.24 1.90 -18.92
N PRO A 532 31.19 3.25 -18.95
CA PRO A 532 30.07 4.00 -19.53
C PRO A 532 29.69 3.70 -20.99
N GLN A 533 30.64 3.27 -21.82
CA GLN A 533 30.34 2.97 -23.22
C GLN A 533 29.85 1.53 -23.45
N LEU A 534 29.80 0.73 -22.39
CA LEU A 534 29.38 -0.67 -22.50
C LEU A 534 27.85 -0.75 -22.60
N LYS A 535 27.35 -1.50 -23.57
CA LYS A 535 25.92 -1.73 -23.74
C LYS A 535 25.54 -3.14 -23.24
N ILE A 536 24.24 -3.37 -23.05
CA ILE A 536 23.75 -4.64 -22.50
C ILE A 536 23.74 -5.72 -23.58
N PRO A 537 24.52 -6.80 -23.39
CA PRO A 537 24.54 -7.86 -24.40
C PRO A 537 23.27 -8.71 -24.41
N VAL A 538 22.64 -8.85 -25.58
CA VAL A 538 21.40 -9.59 -25.74
C VAL A 538 21.34 -10.29 -27.09
N SER A 539 20.32 -11.12 -27.30
CA SER A 539 20.12 -11.82 -28.58
C SER A 539 19.03 -11.14 -29.40
N ARG A 540 19.01 -11.41 -30.71
CA ARG A 540 18.03 -10.79 -31.61
C ARG A 540 16.61 -11.20 -31.24
N ARG A 541 16.42 -12.47 -30.89
CA ARG A 541 15.10 -12.98 -30.50
C ARG A 541 14.57 -12.26 -29.26
N PHE A 542 15.48 -11.93 -28.34
CA PHE A 542 15.11 -11.16 -27.14
C PHE A 542 14.67 -9.74 -27.52
N LEU A 543 15.45 -9.08 -28.36
CA LEU A 543 15.10 -7.74 -28.85
C LEU A 543 13.77 -7.75 -29.61
N ASP A 544 13.56 -8.75 -30.46
CA ASP A 544 12.28 -8.96 -31.16
C ASP A 544 11.11 -9.09 -30.18
N LYS A 545 11.28 -9.90 -29.13
CA LYS A 545 10.26 -10.06 -28.09
C LYS A 545 9.92 -8.71 -27.44
N LEU A 546 10.96 -7.98 -27.05
CA LEU A 546 10.81 -6.67 -26.41
C LEU A 546 10.20 -5.62 -27.35
N GLY A 547 10.45 -5.75 -28.65
CA GLY A 547 9.85 -4.85 -29.64
C GLY A 547 10.71 -3.63 -29.97
N LEU A 548 12.03 -3.78 -29.87
CA LEU A 548 12.97 -2.68 -30.12
C LEU A 548 14.04 -3.03 -31.18
N SER A 549 13.77 -4.04 -32.00
CA SER A 549 14.77 -4.57 -32.91
C SER A 549 15.10 -3.67 -34.12
N ARG A 550 14.19 -2.76 -34.48
CA ARG A 550 14.41 -1.85 -35.59
C ARG A 550 14.48 -0.39 -35.14
N SER A 551 14.64 -0.18 -33.84
CA SER A 551 14.59 1.15 -33.26
C SER A 551 15.99 1.69 -32.96
N PRO A 552 16.20 3.00 -33.18
CA PRO A 552 17.44 3.63 -32.70
C PRO A 552 17.55 3.63 -31.17
N ILE A 553 16.40 3.64 -30.50
CA ILE A 553 16.34 3.54 -29.04
C ILE A 553 16.96 2.22 -28.60
N GLY A 554 16.55 1.14 -29.25
CA GLY A 554 17.08 -0.20 -28.99
C GLY A 554 18.57 -0.35 -29.25
N LYS A 555 19.04 0.25 -30.34
CA LYS A 555 20.47 0.22 -30.69
C LYS A 555 21.34 0.97 -29.66
N ALA A 556 20.78 2.00 -29.03
CA ALA A 556 21.48 2.76 -27.99
C ALA A 556 21.55 2.02 -26.65
N MET A 557 20.67 1.04 -26.46
CA MET A 557 20.55 0.31 -25.19
C MET A 557 21.30 -1.02 -25.17
N PHE A 558 21.28 -1.71 -26.31
CA PHE A 558 21.70 -3.11 -26.39
C PHE A 558 22.76 -3.34 -27.46
N GLU A 559 23.60 -4.35 -27.24
CA GLU A 559 24.54 -4.85 -28.24
C GLU A 559 24.17 -6.29 -28.53
N ILE A 560 23.94 -6.62 -29.78
CA ILE A 560 23.55 -7.98 -30.17
C ILE A 560 24.79 -8.88 -30.19
N ARG A 561 25.20 -9.29 -28.99
CA ARG A 561 26.32 -10.21 -28.79
C ARG A 561 25.74 -11.62 -28.64
N ASP A 562 25.37 -12.20 -29.78
CA ASP A 562 24.83 -13.56 -29.83
C ASP A 562 25.91 -14.57 -30.23
#